data_4EZV
#
_entry.id   4EZV
#
_cell.length_a   65.134
_cell.length_b   148.756
_cell.length_c   64.010
_cell.angle_alpha   90.00
_cell.angle_beta   90.00
_cell.angle_gamma   90.00
#
_symmetry.space_group_name_H-M   'P 21 21 2'
#
loop_
_entity.id
_entity.type
_entity.pdbx_description
1 polymer 'Chaperone protein DnaK'
2 polymer 'Proline rich bombesin-related protein'
3 water water
#
loop_
_entity_poly.entity_id
_entity_poly.type
_entity_poly.pdbx_seq_one_letter_code
_entity_poly.pdbx_strand_id
1 'polypeptide(L)'
;VLLLDVTPLSLGIETMGGVMTTLIAKNTTIPTKHSQVFSTAEDNQSAVTIHVLQGERKRAADNKSLGQFNLDGINPAPRG
MPQIEVTFDIDADGILHVSAKDKNSGKEQKITIKASSGLNEDEIQKMVRDAEANAEADRKFEELVQTRNQGDHLLHSTRK
QVEEAGDKLPADDKTAIESALTALETALKGEDKAAIEAKMQELAQVSQKLMEIAQQQHA
;
A,B
2 'polypeptide(L)' EKKPPRPPQWAVGHFMM C,D
#
# COMPACT_ATOMS: atom_id res chain seq x y z
N VAL A 1 -33.54 20.58 1.80
CA VAL A 1 -33.97 19.16 1.67
C VAL A 1 -34.12 18.61 3.07
N LEU A 2 -35.10 17.70 3.24
CA LEU A 2 -35.44 17.19 4.56
C LEU A 2 -34.73 15.83 4.79
N LEU A 3 -34.32 15.20 3.70
CA LEU A 3 -33.69 13.88 3.79
C LEU A 3 -32.54 13.87 2.76
N LEU A 4 -31.56 12.96 2.90
CA LEU A 4 -30.58 12.65 1.86
C LEU A 4 -30.50 11.14 1.57
N ASP A 5 -30.19 10.79 0.32
CA ASP A 5 -29.82 9.39 -0.02
C ASP A 5 -28.38 9.10 0.42
N VAL A 6 -28.20 8.11 1.30
CA VAL A 6 -26.85 7.76 1.74
C VAL A 6 -26.61 6.22 1.76
N THR A 7 -25.35 5.83 1.64
CA THR A 7 -25.02 4.42 1.70
C THR A 7 -25.06 3.95 3.16
N PRO A 8 -25.87 2.93 3.48
CA PRO A 8 -25.84 2.36 4.82
C PRO A 8 -24.59 1.56 5.13
N LEU A 9 -23.97 0.95 4.11
CA LEU A 9 -22.83 0.09 4.35
C LEU A 9 -21.77 0.39 3.31
N SER A 10 -20.51 0.11 3.65
CA SER A 10 -19.41 0.26 2.69
C SER A 10 -19.60 -0.63 1.49
N LEU A 11 -19.12 -0.15 0.34
CA LEU A 11 -19.15 -0.92 -0.87
C LEU A 11 -17.73 -1.04 -1.43
N GLY A 12 -17.36 -2.25 -1.84
CA GLY A 12 -16.03 -2.45 -2.48
C GLY A 12 -15.82 -3.79 -3.21
N ILE A 13 -14.55 -4.25 -3.31
CA ILE A 13 -14.22 -5.47 -4.05
C ILE A 13 -13.40 -6.38 -3.21
N GLU A 14 -13.32 -7.66 -3.62
CA GLU A 14 -12.39 -8.54 -3.00
C GLU A 14 -11.01 -8.37 -3.54
N THR A 15 -10.00 -8.28 -2.63
CA THR A 15 -8.62 -8.19 -3.07
C THR A 15 -7.78 -9.30 -2.44
N MET A 16 -6.56 -9.43 -3.01
CA MET A 16 -5.60 -10.49 -2.72
CA MET A 16 -5.68 -10.59 -2.73
C MET A 16 -5.64 -10.93 -1.24
N GLY A 17 -5.84 -12.23 -0.99
CA GLY A 17 -5.92 -12.82 0.35
C GLY A 17 -7.34 -12.90 0.90
N GLY A 18 -8.32 -12.53 0.07
CA GLY A 18 -9.71 -12.63 0.60
C GLY A 18 -10.19 -11.46 1.43
N VAL A 19 -9.64 -10.26 1.16
CA VAL A 19 -9.97 -9.07 1.95
C VAL A 19 -10.99 -8.20 1.21
N MET A 20 -11.87 -7.52 1.94
CA MET A 20 -12.68 -6.47 1.29
C MET A 20 -11.98 -5.14 1.34
N THR A 21 -11.74 -4.62 0.15
CA THR A 21 -11.20 -3.24 0.00
C THR A 21 -12.30 -2.32 -0.39
N THR A 22 -12.53 -1.27 0.41
CA THR A 22 -13.68 -0.37 0.24
C THR A 22 -13.41 0.62 -0.88
N LEU A 23 -14.39 0.84 -1.77
CA LEU A 23 -14.33 1.95 -2.71
C LEU A 23 -15.30 3.10 -2.37
N ILE A 24 -16.45 2.77 -1.78
CA ILE A 24 -17.38 3.83 -1.32
C ILE A 24 -17.66 3.66 0.15
N ALA A 25 -17.26 4.66 0.92
CA ALA A 25 -17.29 4.53 2.38
C ALA A 25 -18.81 4.43 2.83
N LYS A 26 -19.06 3.83 3.98
CA LYS A 26 -20.39 3.84 4.61
C LYS A 26 -20.85 5.28 4.72
N ASN A 27 -22.14 5.56 4.64
CA ASN A 27 -22.65 6.96 4.78
C ASN A 27 -22.13 8.01 3.84
N THR A 28 -21.90 7.60 2.62
CA THR A 28 -21.68 8.58 1.56
C THR A 28 -23.03 8.99 0.93
N THR A 29 -23.21 10.30 0.77
CA THR A 29 -24.37 10.86 0.07
C THR A 29 -24.27 10.49 -1.37
N ILE A 30 -25.30 9.87 -1.91
CA ILE A 30 -25.31 9.66 -3.35
C ILE A 30 -26.16 10.73 -4.08
N PRO A 31 -25.95 10.92 -5.41
CA PRO A 31 -25.04 10.28 -6.39
C PRO A 31 -23.58 10.40 -5.94
N THR A 32 -22.76 9.39 -6.21
CA THR A 32 -21.35 9.48 -5.90
C THR A 32 -20.61 8.60 -6.92
N LYS A 33 -19.35 8.92 -7.18
CA LYS A 33 -18.48 8.13 -8.09
C LYS A 33 -17.05 8.01 -7.52
N HIS A 34 -16.41 6.83 -7.61
CA HIS A 34 -15.03 6.68 -7.13
C HIS A 34 -14.30 5.64 -7.92
N SER A 35 -13.08 5.96 -8.35
CA SER A 35 -12.20 4.98 -9.06
C SER A 35 -10.99 4.77 -8.27
N GLN A 36 -10.40 3.59 -8.45
CA GLN A 36 -9.11 3.31 -7.88
CA GLN A 36 -9.12 3.30 -7.87
C GLN A 36 -8.42 2.32 -8.81
N VAL A 37 -7.15 2.54 -9.06
CA VAL A 37 -6.38 1.62 -9.88
C VAL A 37 -5.95 0.43 -9.06
N PHE A 38 -6.25 -0.77 -9.59
CA PHE A 38 -5.75 -2.05 -9.02
C PHE A 38 -4.91 -2.79 -10.07
N SER A 39 -4.56 -4.04 -9.75
CA SER A 39 -3.70 -4.81 -10.58
C SER A 39 -3.92 -6.33 -10.45
N THR A 40 -3.05 -7.10 -11.12
CA THR A 40 -3.09 -8.58 -11.06
C THR A 40 -2.34 -9.05 -9.81
N ALA A 41 -2.63 -10.28 -9.33
CA ALA A 41 -1.93 -10.86 -8.18
C ALA A 41 -0.81 -11.80 -8.60
N GLU A 42 -0.79 -12.25 -9.85
CA GLU A 42 0.25 -13.20 -10.31
C GLU A 42 0.89 -12.72 -11.53
N ASP A 43 2.12 -13.16 -11.76
CA ASP A 43 2.78 -12.98 -13.04
C ASP A 43 1.96 -13.58 -14.15
N ASN A 44 1.86 -12.83 -15.23
CA ASN A 44 1.24 -13.25 -16.46
C ASN A 44 -0.23 -13.57 -16.33
N GLN A 45 -0.88 -13.08 -15.27
CA GLN A 45 -2.29 -13.26 -15.07
C GLN A 45 -2.97 -12.60 -16.27
N SER A 46 -3.95 -13.27 -16.86
CA SER A 46 -4.57 -12.75 -18.10
C SER A 46 -5.99 -12.20 -17.88
N ALA A 47 -6.53 -12.39 -16.68
CA ALA A 47 -7.82 -11.82 -16.34
C ALA A 47 -7.89 -11.36 -14.87
N VAL A 48 -8.89 -10.53 -14.51
CA VAL A 48 -9.17 -10.36 -13.08
C VAL A 48 -10.63 -10.58 -12.86
N THR A 49 -10.94 -11.17 -11.72
CA THR A 49 -12.35 -11.23 -11.26
C THR A 49 -12.71 -10.09 -10.31
N ILE A 50 -13.65 -9.25 -10.71
CA ILE A 50 -14.17 -8.18 -9.86
C ILE A 50 -15.34 -8.73 -9.05
N HIS A 51 -15.16 -8.82 -7.74
CA HIS A 51 -16.16 -9.42 -6.90
C HIS A 51 -16.64 -8.33 -5.96
N VAL A 52 -17.89 -7.89 -6.13
CA VAL A 52 -18.47 -6.67 -5.53
C VAL A 52 -19.13 -7.00 -4.21
N LEU A 53 -18.74 -6.28 -3.15
CA LEU A 53 -19.06 -6.58 -1.80
C LEU A 53 -19.75 -5.41 -1.13
N GLN A 54 -20.68 -5.76 -0.22
CA GLN A 54 -21.35 -4.77 0.65
C GLN A 54 -21.13 -5.15 2.11
N GLY A 55 -20.57 -4.25 2.88
CA GLY A 55 -20.59 -4.52 4.33
C GLY A 55 -19.35 -4.01 5.04
N GLU A 56 -19.23 -4.35 6.32
CA GLU A 56 -18.22 -3.69 7.20
C GLU A 56 -17.19 -4.64 7.64
N ARG A 57 -17.23 -5.90 7.20
CA ARG A 57 -16.26 -6.82 7.70
C ARG A 57 -14.98 -6.84 6.86
N LYS A 58 -13.88 -7.29 7.45
CA LYS A 58 -12.62 -7.30 6.66
C LYS A 58 -12.48 -8.53 5.78
N ARG A 59 -13.04 -9.67 6.20
CA ARG A 59 -12.95 -10.89 5.36
C ARG A 59 -14.03 -10.74 4.29
N ALA A 60 -13.66 -10.88 3.04
CA ALA A 60 -14.65 -10.72 2.01
C ALA A 60 -15.79 -11.70 2.20
N ALA A 61 -15.48 -12.94 2.61
CA ALA A 61 -16.48 -13.98 2.88
C ALA A 61 -17.53 -13.61 3.93
N ASP A 62 -17.19 -12.72 4.85
CA ASP A 62 -18.20 -12.26 5.80
C ASP A 62 -19.01 -11.04 5.34
N ASN A 63 -18.79 -10.55 4.13
CA ASN A 63 -19.62 -9.47 3.58
C ASN A 63 -20.68 -10.04 2.64
N LYS A 64 -21.53 -9.15 2.16
CA LYS A 64 -22.63 -9.54 1.28
C LYS A 64 -22.17 -9.37 -0.20
N SER A 65 -22.14 -10.48 -0.95
CA SER A 65 -21.71 -10.44 -2.33
CA SER A 65 -21.71 -10.48 -2.35
C SER A 65 -22.84 -9.84 -3.16
N LEU A 66 -22.52 -8.82 -3.97
CA LEU A 66 -23.52 -8.16 -4.86
C LEU A 66 -23.49 -8.69 -6.29
N GLY A 67 -22.35 -9.24 -6.72
CA GLY A 67 -22.21 -9.74 -8.08
C GLY A 67 -20.75 -9.80 -8.42
N GLN A 68 -20.44 -10.22 -9.63
CA GLN A 68 -19.06 -10.27 -10.05
C GLN A 68 -19.00 -10.37 -11.54
N PHE A 69 -17.81 -10.14 -12.11
CA PHE A 69 -17.58 -10.20 -13.56
C PHE A 69 -16.10 -10.27 -13.74
N ASN A 70 -15.74 -10.73 -14.92
CA ASN A 70 -14.32 -10.88 -15.21
C ASN A 70 -13.87 -9.85 -16.21
N LEU A 71 -12.66 -9.31 -16.10
CA LEU A 71 -12.12 -8.55 -17.25
C LEU A 71 -11.00 -9.37 -17.84
N ASP A 72 -11.08 -9.68 -19.15
CA ASP A 72 -10.08 -10.49 -19.85
C ASP A 72 -9.11 -9.69 -20.66
N GLY A 73 -8.08 -10.41 -21.12
CA GLY A 73 -7.14 -9.93 -22.14
C GLY A 73 -6.08 -8.99 -21.63
N ILE A 74 -5.69 -9.18 -20.39
CA ILE A 74 -4.67 -8.34 -19.80
C ILE A 74 -3.37 -8.87 -20.40
N ASN A 75 -2.51 -8.00 -20.95
CA ASN A 75 -1.33 -8.52 -21.68
C ASN A 75 -0.35 -9.07 -20.69
N PRO A 76 0.47 -10.05 -21.10
CA PRO A 76 1.50 -10.63 -20.19
C PRO A 76 2.41 -9.56 -19.54
N ALA A 77 2.57 -9.68 -18.22
CA ALA A 77 3.35 -8.77 -17.43
C ALA A 77 3.53 -9.29 -16.01
N PRO A 78 4.54 -8.75 -15.28
CA PRO A 78 4.77 -9.13 -13.90
C PRO A 78 3.59 -8.74 -13.03
N ARG A 79 3.39 -9.50 -11.94
CA ARG A 79 2.29 -9.22 -11.02
C ARG A 79 2.36 -7.79 -10.52
N GLY A 80 1.22 -7.16 -10.31
CA GLY A 80 1.20 -5.81 -9.73
C GLY A 80 1.46 -4.67 -10.72
N MET A 81 1.84 -5.02 -11.96
CA MET A 81 2.21 -4.03 -13.01
CA MET A 81 2.19 -4.00 -12.93
C MET A 81 1.06 -3.55 -13.91
N PRO A 82 0.14 -4.46 -14.30
CA PRO A 82 -0.96 -3.93 -15.13
C PRO A 82 -1.81 -2.91 -14.36
N GLN A 83 -2.41 -2.00 -15.08
CA GLN A 83 -3.17 -0.89 -14.47
C GLN A 83 -4.63 -1.12 -14.78
N ILE A 84 -5.38 -1.68 -13.82
CA ILE A 84 -6.82 -1.98 -13.97
C ILE A 84 -7.56 -0.99 -13.07
N GLU A 85 -8.15 0.02 -13.68
CA GLU A 85 -8.96 0.99 -13.02
C GLU A 85 -10.37 0.49 -12.74
N VAL A 86 -10.76 0.45 -11.49
CA VAL A 86 -12.11 -0.03 -11.12
C VAL A 86 -12.92 1.20 -10.63
N THR A 87 -14.10 1.41 -11.16
CA THR A 87 -14.96 2.59 -10.83
C THR A 87 -16.29 2.13 -10.29
N PHE A 88 -16.67 2.67 -9.14
CA PHE A 88 -17.98 2.49 -8.60
C PHE A 88 -18.76 3.81 -8.83
N ASP A 89 -19.96 3.66 -9.36
CA ASP A 89 -20.76 4.80 -9.73
C ASP A 89 -22.21 4.51 -9.30
N ILE A 90 -22.72 5.25 -8.31
CA ILE A 90 -24.09 5.08 -7.84
C ILE A 90 -24.85 6.35 -8.20
N ASP A 91 -25.85 6.23 -9.06
CA ASP A 91 -26.64 7.38 -9.56
C ASP A 91 -27.68 7.88 -8.55
N ALA A 92 -28.39 8.97 -8.90
CA ALA A 92 -29.50 9.50 -8.06
C ALA A 92 -30.55 8.41 -7.68
N ASP A 93 -30.66 7.33 -8.48
CA ASP A 93 -31.65 6.26 -8.22
C ASP A 93 -31.17 5.06 -7.42
N GLY A 94 -29.99 5.21 -6.81
CA GLY A 94 -29.39 4.11 -6.02
C GLY A 94 -28.93 2.91 -6.84
N ILE A 95 -28.82 3.05 -8.17
CA ILE A 95 -28.26 1.98 -9.00
C ILE A 95 -26.71 2.02 -9.00
N LEU A 96 -26.09 0.92 -8.63
CA LEU A 96 -24.62 0.91 -8.66
C LEU A 96 -24.06 0.29 -9.93
N HIS A 97 -23.23 1.08 -10.65
CA HIS A 97 -22.53 0.66 -11.86
C HIS A 97 -21.13 0.45 -11.45
N VAL A 98 -20.56 -0.73 -11.75
CA VAL A 98 -19.19 -1.04 -11.39
C VAL A 98 -18.47 -1.41 -12.65
N SER A 99 -17.33 -0.76 -12.92
CA SER A 99 -16.59 -1.14 -14.16
C SER A 99 -15.12 -1.34 -13.93
N ALA A 100 -14.45 -2.07 -14.83
CA ALA A 100 -13.02 -2.29 -14.75
C ALA A 100 -12.47 -2.01 -16.12
N LYS A 101 -11.41 -1.22 -16.19
CA LYS A 101 -10.89 -0.82 -17.48
C LYS A 101 -9.37 -1.06 -17.47
N ASP A 102 -8.85 -1.72 -18.49
CA ASP A 102 -7.44 -1.97 -18.53
C ASP A 102 -6.88 -0.78 -19.34
N LYS A 103 -6.04 0.02 -18.67
CA LYS A 103 -5.58 1.30 -19.20
C LYS A 103 -4.61 1.03 -20.40
N ASN A 104 -4.11 -0.20 -20.47
CA ASN A 104 -3.17 -0.60 -21.52
C ASN A 104 -3.84 -1.31 -22.72
N SER A 105 -4.69 -2.30 -22.49
CA SER A 105 -5.36 -2.96 -23.59
C SER A 105 -6.58 -2.17 -24.05
N GLY A 106 -7.06 -1.25 -23.24
CA GLY A 106 -8.27 -0.49 -23.59
C GLY A 106 -9.55 -1.27 -23.30
N LYS A 107 -9.44 -2.59 -23.10
CA LYS A 107 -10.57 -3.43 -22.68
C LYS A 107 -11.32 -2.96 -21.42
N GLU A 108 -12.63 -3.10 -21.48
CA GLU A 108 -13.46 -2.75 -20.35
C GLU A 108 -14.62 -3.74 -20.17
N GLN A 109 -15.00 -3.96 -18.94
CA GLN A 109 -16.20 -4.74 -18.68
C GLN A 109 -16.97 -4.08 -17.52
N LYS A 110 -18.27 -4.33 -17.39
CA LYS A 110 -19.09 -3.67 -16.38
C LYS A 110 -20.31 -4.48 -16.02
N ILE A 111 -20.88 -4.19 -14.84
CA ILE A 111 -22.22 -4.68 -14.46
C ILE A 111 -23.07 -3.63 -13.80
N THR A 112 -24.36 -3.89 -13.79
CA THR A 112 -25.28 -3.04 -13.14
C THR A 112 -25.93 -3.78 -12.00
N ILE A 113 -25.96 -3.16 -10.83
CA ILE A 113 -26.47 -3.79 -9.62
C ILE A 113 -27.67 -2.99 -9.12
N LYS A 114 -28.85 -3.63 -8.94
CA LYS A 114 -30.11 -2.92 -8.56
C LYS A 114 -30.08 -2.30 -7.14
N ALA A 115 -30.90 -1.26 -6.96
CA ALA A 115 -30.97 -0.51 -5.71
C ALA A 115 -31.46 -1.39 -4.57
N SER A 116 -32.20 -2.43 -4.95
CA SER A 116 -32.79 -3.36 -4.02
C SER A 116 -31.89 -4.56 -3.61
N SER A 117 -30.72 -4.71 -4.26
CA SER A 117 -29.69 -5.68 -3.83
C SER A 117 -29.11 -5.50 -2.40
N GLY A 118 -28.46 -6.54 -1.90
CA GLY A 118 -27.71 -6.43 -0.69
C GLY A 118 -28.60 -6.51 0.52
N LEU A 119 -28.10 -6.04 1.66
CA LEU A 119 -28.75 -6.35 2.98
C LEU A 119 -29.94 -5.46 3.28
N ASN A 120 -30.98 -6.00 3.94
CA ASN A 120 -32.13 -5.18 4.33
C ASN A 120 -31.78 -4.42 5.65
N GLU A 121 -32.65 -3.54 6.13
CA GLU A 121 -32.26 -2.66 7.28
C GLU A 121 -31.91 -3.43 8.54
N ASP A 122 -32.64 -4.50 8.78
CA ASP A 122 -32.29 -5.39 9.83
C ASP A 122 -30.91 -6.04 9.70
N GLU A 123 -30.63 -6.59 8.53
CA GLU A 123 -29.29 -7.16 8.26
C GLU A 123 -28.22 -6.08 8.32
N ILE A 124 -28.58 -4.87 7.90
CA ILE A 124 -27.66 -3.76 8.02
C ILE A 124 -27.28 -3.56 9.49
N GLN A 125 -28.27 -3.56 10.40
CA GLN A 125 -27.98 -3.28 11.82
C GLN A 125 -27.13 -4.41 12.41
N LYS A 126 -27.49 -5.64 12.10
CA LYS A 126 -26.71 -6.80 12.50
C LYS A 126 -25.25 -6.76 11.97
N MET A 127 -25.08 -6.38 10.71
CA MET A 127 -23.72 -6.27 10.15
C MET A 127 -22.84 -5.21 10.94
N VAL A 128 -23.43 -4.07 11.24
CA VAL A 128 -22.75 -3.03 12.02
C VAL A 128 -22.34 -3.54 13.44
N ARG A 129 -23.28 -4.16 14.14
CA ARG A 129 -23.07 -4.76 15.43
C ARG A 129 -21.97 -5.81 15.29
N ASP A 130 -22.10 -6.71 14.31
CA ASP A 130 -21.14 -7.82 14.10
C ASP A 130 -19.72 -7.33 13.81
N ALA A 131 -19.62 -6.25 13.03
CA ALA A 131 -18.29 -5.66 12.72
C ALA A 131 -17.65 -5.10 14.00
N GLU A 132 -18.42 -4.29 14.73
CA GLU A 132 -18.05 -3.88 16.09
C GLU A 132 -17.59 -5.05 16.98
N ALA A 133 -18.37 -6.12 17.09
CA ALA A 133 -18.02 -7.21 18.01
C ALA A 133 -16.79 -8.03 17.55
N ASN A 134 -16.47 -8.00 16.25
CA ASN A 134 -15.32 -8.76 15.77
C ASN A 134 -14.24 -7.88 15.31
N ALA A 135 -14.16 -6.67 15.85
CA ALA A 135 -13.20 -5.66 15.36
C ALA A 135 -11.73 -6.14 15.56
N GLU A 136 -11.48 -6.76 16.70
CA GLU A 136 -10.19 -7.31 16.93
C GLU A 136 -9.84 -8.42 15.99
N ALA A 137 -10.74 -9.40 15.86
CA ALA A 137 -10.45 -10.56 15.02
C ALA A 137 -10.39 -10.14 13.53
N ASP A 138 -11.20 -9.17 13.11
CA ASP A 138 -11.07 -8.63 11.72
C ASP A 138 -9.74 -7.89 11.53
N ARG A 139 -9.33 -7.10 12.53
CA ARG A 139 -8.11 -6.35 12.36
C ARG A 139 -6.95 -7.36 12.29
N LYS A 140 -6.94 -8.36 13.15
CA LYS A 140 -5.87 -9.39 13.06
C LYS A 140 -5.86 -10.11 11.70
N PHE A 141 -7.01 -10.45 11.14
CA PHE A 141 -7.08 -11.02 9.81
C PHE A 141 -6.47 -10.10 8.75
N GLU A 142 -6.81 -8.82 8.80
CA GLU A 142 -6.40 -7.93 7.73
C GLU A 142 -4.89 -7.83 7.82
N GLU A 143 -4.36 -7.70 9.04
CA GLU A 143 -2.91 -7.55 9.20
C GLU A 143 -2.15 -8.83 8.83
N LEU A 144 -2.70 -10.02 9.07
CA LEU A 144 -2.02 -11.28 8.62
C LEU A 144 -1.94 -11.26 7.09
N VAL A 145 -3.02 -10.78 6.44
CA VAL A 145 -3.06 -10.80 4.93
C VAL A 145 -2.04 -9.78 4.37
N GLN A 146 -1.98 -8.57 4.93
CA GLN A 146 -0.92 -7.58 4.57
C GLN A 146 0.50 -8.16 4.74
N THR A 147 0.74 -8.82 5.88
CA THR A 147 2.05 -9.39 6.14
C THR A 147 2.35 -10.49 5.11
N ARG A 148 1.38 -11.39 4.90
CA ARG A 148 1.55 -12.38 3.90
C ARG A 148 1.87 -11.79 2.52
N ASN A 149 1.11 -10.77 2.11
CA ASN A 149 1.33 -10.09 0.83
C ASN A 149 2.73 -9.41 0.77
N GLN A 150 3.18 -8.81 1.87
CA GLN A 150 4.53 -8.22 1.88
C GLN A 150 5.61 -9.33 1.79
N GLY A 151 5.34 -10.48 2.40
CA GLY A 151 6.30 -11.57 2.44
C GLY A 151 6.36 -12.26 1.09
N ASP A 152 5.20 -12.41 0.48
CA ASP A 152 5.16 -12.94 -0.86
C ASP A 152 5.98 -12.05 -1.85
N HIS A 153 5.80 -10.73 -1.75
CA HIS A 153 6.61 -9.86 -2.60
C HIS A 153 8.10 -10.02 -2.31
N LEU A 154 8.48 -10.12 -1.03
CA LEU A 154 9.88 -10.25 -0.70
C LEU A 154 10.53 -11.51 -1.27
N LEU A 155 9.79 -12.63 -1.13
CA LEU A 155 10.15 -13.90 -1.65
C LEU A 155 10.34 -13.88 -3.17
N HIS A 156 9.34 -13.42 -3.94
CA HIS A 156 9.45 -13.52 -5.38
CA HIS A 156 9.43 -13.52 -5.40
C HIS A 156 10.45 -12.53 -5.93
N SER A 157 10.58 -11.37 -5.28
CA SER A 157 11.59 -10.45 -5.79
C SER A 157 13.01 -10.87 -5.39
N THR A 158 13.15 -11.61 -4.28
CA THR A 158 14.45 -12.08 -3.90
C THR A 158 14.82 -13.23 -4.84
N ARG A 159 13.86 -14.10 -5.20
CA ARG A 159 14.13 -15.09 -6.26
C ARG A 159 14.55 -14.47 -7.56
N LYS A 160 13.77 -13.46 -7.99
CA LYS A 160 14.11 -12.76 -9.24
C LYS A 160 15.56 -12.27 -9.20
N GLN A 161 16.00 -11.71 -8.04
CA GLN A 161 17.36 -11.16 -7.93
C GLN A 161 18.45 -12.20 -7.84
N VAL A 162 18.18 -13.28 -7.12
CA VAL A 162 19.11 -14.41 -7.19
C VAL A 162 19.36 -14.74 -8.67
N GLU A 163 18.30 -15.01 -9.41
CA GLU A 163 18.43 -15.33 -10.83
C GLU A 163 19.27 -14.29 -11.61
N GLU A 164 18.99 -13.00 -11.43
CA GLU A 164 19.76 -11.99 -12.15
C GLU A 164 21.25 -11.94 -11.70
N ALA A 165 21.55 -12.25 -10.43
CA ALA A 165 22.93 -12.14 -9.98
C ALA A 165 23.81 -13.23 -10.55
N GLY A 166 23.20 -14.36 -10.91
CA GLY A 166 23.93 -15.57 -11.37
C GLY A 166 25.18 -15.92 -10.59
N ASP A 167 26.32 -16.15 -11.25
CA ASP A 167 27.47 -16.64 -10.47
C ASP A 167 28.21 -15.56 -9.70
N LYS A 168 27.76 -14.32 -9.86
CA LYS A 168 28.29 -13.21 -9.10
C LYS A 168 27.95 -13.35 -7.62
N LEU A 169 26.91 -14.11 -7.29
CA LEU A 169 26.51 -14.37 -5.89
C LEU A 169 27.41 -15.50 -5.34
N PRO A 170 28.16 -15.27 -4.22
CA PRO A 170 29.06 -16.34 -3.73
C PRO A 170 28.28 -17.53 -3.17
N ALA A 171 28.88 -18.73 -3.20
CA ALA A 171 28.18 -20.02 -3.00
C ALA A 171 27.50 -20.07 -1.65
N ASP A 172 28.21 -19.59 -0.62
CA ASP A 172 27.75 -19.54 0.76
C ASP A 172 26.54 -18.59 0.89
N ASP A 173 26.56 -17.47 0.19
CA ASP A 173 25.41 -16.60 0.22
C ASP A 173 24.24 -17.27 -0.43
N LYS A 174 24.42 -17.83 -1.63
CA LYS A 174 23.29 -18.45 -2.31
C LYS A 174 22.68 -19.52 -1.39
N THR A 175 23.51 -20.33 -0.77
CA THR A 175 23.03 -21.27 0.27
C THR A 175 22.19 -20.63 1.38
N ALA A 176 22.73 -19.63 2.09
CA ALA A 176 21.98 -18.91 3.17
C ALA A 176 20.66 -18.27 2.66
N ILE A 177 20.73 -17.60 1.49
CA ILE A 177 19.52 -17.11 0.84
C ILE A 177 18.54 -18.23 0.47
N GLU A 178 18.99 -19.34 -0.11
CA GLU A 178 18.04 -20.42 -0.36
C GLU A 178 17.40 -20.95 0.93
N SER A 179 18.21 -21.11 1.98
CA SER A 179 17.68 -21.56 3.25
C SER A 179 16.57 -20.59 3.69
N ALA A 180 16.85 -19.29 3.67
CA ALA A 180 15.92 -18.31 4.25
C ALA A 180 14.60 -18.25 3.43
N LEU A 181 14.72 -18.43 2.11
CA LEU A 181 13.56 -18.38 1.16
C LEU A 181 12.66 -19.54 1.47
N THR A 182 13.23 -20.74 1.69
CA THR A 182 12.46 -21.92 1.98
C THR A 182 11.70 -21.75 3.26
N ALA A 183 12.38 -21.29 4.33
CA ALA A 183 11.72 -21.07 5.62
C ALA A 183 10.61 -20.02 5.48
N LEU A 184 10.87 -18.97 4.68
CA LEU A 184 9.87 -17.93 4.45
C LEU A 184 8.65 -18.50 3.70
N GLU A 185 8.89 -19.22 2.61
CA GLU A 185 7.75 -19.76 1.84
C GLU A 185 6.95 -20.68 2.76
N THR A 186 7.60 -21.50 3.56
CA THR A 186 6.80 -22.30 4.51
C THR A 186 5.99 -21.44 5.50
N ALA A 187 6.60 -20.40 6.09
CA ALA A 187 5.82 -19.56 7.03
C ALA A 187 4.55 -18.91 6.37
N LEU A 188 4.64 -18.51 5.09
CA LEU A 188 3.57 -17.77 4.42
C LEU A 188 2.38 -18.67 4.19
N LYS A 189 2.60 -19.97 4.28
CA LYS A 189 1.53 -20.90 4.09
C LYS A 189 0.75 -21.10 5.41
N GLY A 190 1.31 -20.69 6.55
CA GLY A 190 0.63 -20.80 7.86
C GLY A 190 -0.18 -19.55 8.15
N GLU A 191 -0.71 -19.42 9.37
CA GLU A 191 -1.51 -18.26 9.76
C GLU A 191 -0.88 -17.58 10.94
N ASP A 192 0.44 -17.73 11.07
CA ASP A 192 1.13 -17.20 12.20
C ASP A 192 1.96 -15.97 11.72
N LYS A 193 1.44 -14.78 12.02
CA LYS A 193 2.05 -13.53 11.62
C LYS A 193 3.47 -13.25 12.17
N ALA A 194 3.70 -13.54 13.44
CA ALA A 194 5.03 -13.34 14.03
C ALA A 194 6.09 -14.21 13.36
N ALA A 195 5.69 -15.45 12.98
CA ALA A 195 6.55 -16.38 12.21
C ALA A 195 6.94 -15.87 10.84
N ILE A 196 5.96 -15.37 10.10
CA ILE A 196 6.26 -14.69 8.80
C ILE A 196 7.26 -13.51 9.01
N GLU A 197 6.96 -12.61 9.94
CA GLU A 197 7.93 -11.54 10.24
C GLU A 197 9.32 -12.10 10.62
N ALA A 198 9.39 -13.14 11.49
CA ALA A 198 10.69 -13.72 11.87
C ALA A 198 11.46 -14.14 10.60
N LYS A 199 10.76 -14.84 9.69
CA LYS A 199 11.40 -15.40 8.50
C LYS A 199 11.79 -14.35 7.46
N MET A 200 10.99 -13.29 7.36
CA MET A 200 11.34 -12.18 6.49
C MET A 200 12.55 -11.50 7.09
N GLN A 201 12.62 -11.47 8.41
CA GLN A 201 13.76 -10.76 8.98
C GLN A 201 15.03 -11.59 8.69
N GLU A 202 14.87 -12.91 8.74
CA GLU A 202 16.00 -13.81 8.54
C GLU A 202 16.49 -13.71 7.13
N LEU A 203 15.57 -13.54 6.18
CA LEU A 203 15.95 -13.37 4.78
C LEU A 203 16.73 -12.02 4.52
N ALA A 204 16.18 -10.93 5.04
CA ALA A 204 16.86 -9.64 5.13
C ALA A 204 18.33 -9.82 5.65
N GLN A 205 18.52 -10.61 6.70
CA GLN A 205 19.82 -10.69 7.34
C GLN A 205 20.92 -11.45 6.57
N VAL A 206 20.52 -12.30 5.63
CA VAL A 206 21.48 -13.03 4.85
C VAL A 206 21.55 -12.49 3.40
N SER A 207 20.85 -11.39 3.08
CA SER A 207 20.74 -10.87 1.69
C SER A 207 21.67 -9.67 1.42
N GLN A 208 22.53 -9.35 2.34
CA GLN A 208 23.33 -8.13 2.17
C GLN A 208 24.09 -8.10 0.82
N LYS A 209 24.76 -9.21 0.49
CA LYS A 209 25.66 -9.33 -0.66
C LYS A 209 24.84 -9.41 -1.95
N LEU A 210 23.75 -10.18 -1.91
CA LEU A 210 22.78 -10.17 -3.02
C LEU A 210 22.32 -8.73 -3.39
N MET A 211 21.98 -7.94 -2.39
CA MET A 211 21.51 -6.59 -2.59
C MET A 211 22.66 -5.69 -3.07
N GLU A 212 23.88 -5.94 -2.64
CA GLU A 212 25.00 -5.16 -3.13
C GLU A 212 25.18 -5.40 -4.61
N ILE A 213 24.99 -6.66 -5.01
CA ILE A 213 25.13 -7.08 -6.41
C ILE A 213 24.01 -6.46 -7.28
N ALA A 214 22.79 -6.36 -6.74
CA ALA A 214 21.68 -5.68 -7.46
C ALA A 214 21.99 -4.19 -7.63
N GLN A 215 22.49 -3.57 -6.55
CA GLN A 215 23.03 -2.22 -6.64
C GLN A 215 24.06 -2.03 -7.78
N GLN A 216 25.05 -2.93 -7.88
CA GLN A 216 26.09 -2.81 -8.93
C GLN A 216 25.53 -2.95 -10.32
N GLN A 217 24.59 -3.88 -10.49
CA GLN A 217 23.94 -4.12 -11.78
C GLN A 217 23.18 -2.89 -12.29
N HIS A 218 22.23 -2.43 -11.50
CA HIS A 218 21.36 -1.35 -11.92
C HIS A 218 21.89 0.06 -11.68
N ALA A 219 23.10 0.19 -11.12
CA ALA A 219 23.65 1.51 -10.81
C ALA A 219 24.62 1.94 -11.90
N VAL B 1 -13.17 2.41 37.25
CA VAL B 1 -12.40 3.70 37.09
C VAL B 1 -13.40 4.80 36.63
N LEU B 2 -13.18 6.05 37.06
CA LEU B 2 -14.06 7.17 36.75
C LEU B 2 -13.54 7.99 35.53
N LEU B 3 -12.26 7.83 35.20
CA LEU B 3 -11.59 8.59 34.13
C LEU B 3 -10.67 7.61 33.39
N LEU B 4 -10.39 7.90 32.12
CA LEU B 4 -9.43 7.18 31.31
C LEU B 4 -8.48 8.23 30.70
N ASP B 5 -7.25 7.80 30.49
CA ASP B 5 -6.25 8.54 29.72
C ASP B 5 -6.41 8.21 28.22
N VAL B 6 -6.84 9.14 27.37
CA VAL B 6 -7.02 8.81 25.95
C VAL B 6 -6.27 9.83 25.07
N THR B 7 -5.87 9.42 23.87
CA THR B 7 -5.16 10.41 23.00
C THR B 7 -6.25 11.32 22.44
N PRO B 8 -6.11 12.68 22.48
CA PRO B 8 -7.16 13.50 21.80
C PRO B 8 -6.95 13.59 20.30
N LEU B 9 -5.76 13.21 19.85
CA LEU B 9 -5.44 13.37 18.46
C LEU B 9 -4.61 12.17 17.96
N SER B 10 -4.75 11.80 16.69
CA SER B 10 -3.90 10.79 16.09
C SER B 10 -2.42 11.11 16.23
N LEU B 11 -1.60 10.07 16.38
CA LEU B 11 -0.13 10.25 16.41
C LEU B 11 0.48 9.38 15.32
N GLY B 12 1.49 9.91 14.61
CA GLY B 12 2.09 9.08 13.58
C GLY B 12 3.36 9.68 13.01
N ILE B 13 3.65 9.35 11.75
CA ILE B 13 4.97 9.71 11.17
C ILE B 13 4.69 10.27 9.82
N GLU B 14 5.67 11.07 9.30
CA GLU B 14 5.58 11.45 7.93
C GLU B 14 6.00 10.30 7.01
N THR B 15 5.28 10.08 5.92
CA THR B 15 5.74 9.10 4.96
C THR B 15 5.83 9.68 3.54
N MET B 16 6.41 8.92 2.64
CA MET B 16 6.77 9.30 1.28
CA MET B 16 6.82 9.42 1.30
C MET B 16 5.70 10.13 0.63
N GLY B 17 6.07 11.32 0.13
CA GLY B 17 5.12 12.28 -0.49
C GLY B 17 4.71 13.33 0.52
N GLY B 18 5.19 13.29 1.78
CA GLY B 18 4.81 14.38 2.67
C GLY B 18 3.47 14.20 3.38
N VAL B 19 3.02 12.95 3.52
CA VAL B 19 1.70 12.63 4.14
C VAL B 19 1.85 12.11 5.60
N MET B 20 0.84 12.28 6.45
CA MET B 20 0.90 11.71 7.79
C MET B 20 0.32 10.30 7.76
N THR B 21 1.08 9.35 8.31
CA THR B 21 0.57 8.02 8.47
C THR B 21 0.43 7.74 9.94
N THR B 22 -0.76 7.30 10.34
CA THR B 22 -1.12 7.22 11.74
C THR B 22 -0.57 5.96 12.28
N LEU B 23 0.02 5.98 13.46
CA LEU B 23 0.29 4.68 14.11
C LEU B 23 -0.59 4.47 15.39
N ILE B 24 -0.87 5.54 16.13
CA ILE B 24 -1.87 5.42 17.20
C ILE B 24 -3.16 6.25 16.91
N ALA B 25 -4.30 5.62 16.67
CA ALA B 25 -5.53 6.33 16.29
C ALA B 25 -5.94 7.34 17.36
N LYS B 26 -6.70 8.35 16.97
CA LYS B 26 -7.35 9.32 17.90
C LYS B 26 -8.17 8.52 18.91
N ASN B 27 -8.34 8.99 20.16
CA ASN B 27 -9.09 8.28 21.20
C ASN B 27 -8.64 6.89 21.60
N THR B 28 -7.36 6.54 21.50
CA THR B 28 -6.84 5.30 22.09
C THR B 28 -6.53 5.47 23.57
N THR B 29 -6.96 4.50 24.38
CA THR B 29 -6.56 4.43 25.80
C THR B 29 -5.11 4.13 26.00
N ILE B 30 -4.48 4.87 26.91
CA ILE B 30 -3.08 4.66 27.17
C ILE B 30 -3.01 4.04 28.60
N PRO B 31 -2.00 3.20 28.89
CA PRO B 31 -0.83 2.85 28.09
C PRO B 31 -1.18 2.11 26.79
N THR B 32 -0.40 2.28 25.72
CA THR B 32 -0.60 1.58 24.46
C THR B 32 0.74 1.48 23.71
N LYS B 33 0.82 0.58 22.73
CA LYS B 33 2.03 0.31 22.03
C LYS B 33 1.66 -0.17 20.67
N HIS B 34 2.30 0.38 19.65
CA HIS B 34 2.00 -0.09 18.29
C HIS B 34 3.24 0.01 17.45
N SER B 35 3.48 -1.03 16.65
CA SER B 35 4.61 -1.16 15.73
C SER B 35 4.12 -1.32 14.33
N GLN B 36 4.82 -0.77 13.33
CA GLN B 36 4.48 -1.10 11.93
C GLN B 36 5.78 -1.09 11.14
N VAL B 37 5.92 -2.00 10.20
CA VAL B 37 7.11 -2.04 9.37
C VAL B 37 6.98 -1.10 8.19
N PHE B 38 7.98 -0.24 7.99
CA PHE B 38 8.04 0.67 6.89
C PHE B 38 9.35 0.39 6.18
N SER B 39 9.70 1.23 5.23
CA SER B 39 10.90 0.99 4.41
C SER B 39 11.52 2.25 3.79
N THR B 40 12.49 2.07 2.88
CA THR B 40 13.11 3.20 2.19
C THR B 40 12.17 3.67 1.05
N ALA B 41 12.40 4.89 0.57
CA ALA B 41 11.63 5.44 -0.54
C ALA B 41 12.42 5.45 -1.85
N GLU B 42 13.71 5.13 -1.79
CA GLU B 42 14.61 5.18 -2.97
C GLU B 42 15.60 4.04 -2.91
N ASP B 43 16.06 3.57 -4.07
CA ASP B 43 17.08 2.51 -4.12
C ASP B 43 18.34 2.90 -3.34
N ASN B 44 18.82 2.01 -2.46
CA ASN B 44 20.13 2.19 -1.81
C ASN B 44 20.24 3.33 -0.80
N GLN B 45 19.09 3.76 -0.25
CA GLN B 45 19.02 4.89 0.67
C GLN B 45 19.74 4.37 1.92
N SER B 46 20.62 5.16 2.54
CA SER B 46 21.31 4.67 3.73
C SER B 46 20.73 5.17 5.05
N ALA B 47 19.71 6.05 4.97
CA ALA B 47 19.10 6.60 6.19
C ALA B 47 17.66 7.10 6.02
N VAL B 48 16.85 6.95 7.06
CA VAL B 48 15.49 7.53 7.01
C VAL B 48 15.37 8.54 8.15
N THR B 49 14.55 9.57 7.93
CA THR B 49 14.16 10.45 9.01
C THR B 49 12.77 10.05 9.53
N ILE B 50 12.70 9.72 10.83
CA ILE B 50 11.39 9.49 11.45
C ILE B 50 10.88 10.82 11.98
N HIS B 51 9.79 11.36 11.41
CA HIS B 51 9.29 12.70 11.76
C HIS B 51 7.96 12.49 12.42
N VAL B 52 7.87 12.82 13.71
CA VAL B 52 6.77 12.39 14.55
C VAL B 52 5.73 13.50 14.50
N LEU B 53 4.49 13.12 14.21
CA LEU B 53 3.38 14.07 13.97
C LEU B 53 2.17 13.87 14.88
N GLN B 54 1.50 14.97 15.21
CA GLN B 54 0.23 14.86 15.95
C GLN B 54 -0.81 15.60 15.21
N GLY B 55 -1.96 14.98 15.00
CA GLY B 55 -3.02 15.69 14.28
C GLY B 55 -3.89 14.84 13.36
N GLU B 56 -4.90 15.47 12.77
CA GLU B 56 -5.93 14.76 11.96
C GLU B 56 -5.81 15.14 10.46
N ARG B 57 -4.77 15.89 10.05
CA ARG B 57 -4.69 16.30 8.63
C ARG B 57 -3.86 15.28 7.85
N LYS B 58 -4.07 15.21 6.56
CA LYS B 58 -3.26 14.31 5.71
C LYS B 58 -1.88 14.87 5.33
N ARG B 59 -1.77 16.18 5.14
CA ARG B 59 -0.46 16.74 4.73
C ARG B 59 0.34 16.91 6.06
N ALA B 60 1.56 16.35 6.07
CA ALA B 60 2.41 16.39 7.23
C ALA B 60 2.56 17.83 7.73
N ALA B 61 2.76 18.76 6.80
CA ALA B 61 2.97 20.18 7.07
C ALA B 61 1.75 20.77 7.80
N ASP B 62 0.56 20.19 7.71
CA ASP B 62 -0.59 20.84 8.41
C ASP B 62 -0.78 20.24 9.82
N ASN B 63 0.06 19.29 10.19
CA ASN B 63 -0.02 18.71 11.55
C ASN B 63 1.00 19.30 12.51
N LYS B 64 0.94 18.95 13.79
CA LYS B 64 1.95 19.41 14.72
C LYS B 64 3.18 18.48 14.75
N SER B 65 4.37 19.00 14.40
CA SER B 65 5.61 18.25 14.48
CA SER B 65 5.62 18.23 14.49
C SER B 65 5.93 18.09 15.93
N LEU B 66 6.22 16.86 16.35
CA LEU B 66 6.63 16.65 17.74
C LEU B 66 8.12 16.41 17.77
N GLY B 67 8.75 16.33 16.62
CA GLY B 67 10.24 16.19 16.59
C GLY B 67 10.58 15.09 15.59
N GLN B 68 11.86 14.93 15.33
CA GLN B 68 12.35 13.98 14.33
C GLN B 68 13.73 13.46 14.72
N PHE B 69 14.09 12.29 14.20
CA PHE B 69 15.42 11.70 14.40
C PHE B 69 15.73 10.91 13.16
N ASN B 70 17.00 10.55 12.98
CA ASN B 70 17.39 9.77 11.82
C ASN B 70 17.78 8.37 12.26
N LEU B 71 17.65 7.43 11.32
CA LEU B 71 18.18 6.09 11.51
C LEU B 71 19.01 5.87 10.24
N ASP B 72 20.33 5.71 10.43
CA ASP B 72 21.28 5.44 9.32
C ASP B 72 21.82 4.02 9.37
N GLY B 73 22.89 3.78 8.64
CA GLY B 73 23.53 2.47 8.56
C GLY B 73 22.69 1.57 7.66
N ILE B 74 21.74 2.10 6.89
CA ILE B 74 20.86 1.12 6.13
C ILE B 74 21.63 0.62 4.92
N ASN B 75 21.75 -0.69 4.80
CA ASN B 75 22.54 -1.29 3.72
C ASN B 75 21.75 -1.18 2.42
N PRO B 76 22.47 -1.13 1.28
CA PRO B 76 21.94 -1.02 -0.08
C PRO B 76 20.84 -2.04 -0.37
N ALA B 77 19.69 -1.60 -0.89
CA ALA B 77 18.66 -2.54 -1.37
C ALA B 77 17.76 -1.75 -2.30
N PRO B 78 16.97 -2.43 -3.17
CA PRO B 78 15.93 -1.71 -3.91
C PRO B 78 14.94 -1.03 -2.96
N ARG B 79 14.41 0.10 -3.42
CA ARG B 79 13.33 0.83 -2.80
C ARG B 79 12.32 -0.13 -2.13
N GLY B 80 12.00 0.11 -0.87
CA GLY B 80 10.92 -0.66 -0.21
C GLY B 80 11.21 -2.10 0.18
N MET B 81 12.48 -2.51 0.01
CA MET B 81 13.00 -3.82 0.50
C MET B 81 13.49 -3.80 1.97
N PRO B 82 14.33 -2.81 2.40
CA PRO B 82 14.64 -2.82 3.85
C PRO B 82 13.39 -2.77 4.79
N GLN B 83 13.53 -3.42 5.94
CA GLN B 83 12.43 -3.55 6.93
C GLN B 83 12.71 -2.69 8.17
N ILE B 84 12.09 -1.49 8.23
CA ILE B 84 12.39 -0.48 9.29
C ILE B 84 11.16 -0.49 10.20
N GLU B 85 11.30 -0.99 11.42
CA GLU B 85 10.14 -1.18 12.23
C GLU B 85 9.98 0.02 13.15
N VAL B 86 8.85 0.74 13.06
CA VAL B 86 8.65 1.97 13.83
C VAL B 86 7.67 1.65 14.96
N THR B 87 8.06 1.89 16.20
CA THR B 87 7.23 1.57 17.36
C THR B 87 6.88 2.86 18.09
N PHE B 88 5.59 3.04 18.41
CA PHE B 88 5.12 4.16 19.23
C PHE B 88 4.68 3.49 20.51
N ASP B 89 5.15 4.00 21.65
CA ASP B 89 4.85 3.37 22.91
C ASP B 89 4.53 4.49 23.87
N ILE B 90 3.29 4.61 24.35
CA ILE B 90 3.02 5.69 25.34
C ILE B 90 2.86 5.00 26.68
N ASP B 91 3.68 5.36 27.68
CA ASP B 91 3.64 4.62 28.97
C ASP B 91 2.49 5.17 29.86
N ALA B 92 2.28 4.60 31.07
CA ALA B 92 1.17 5.05 31.91
C ALA B 92 1.25 6.55 32.31
N ASP B 93 2.42 7.16 32.18
CA ASP B 93 2.60 8.56 32.53
C ASP B 93 2.37 9.51 31.35
N GLY B 94 2.07 8.97 30.18
CA GLY B 94 1.75 9.81 29.01
C GLY B 94 2.95 10.27 28.18
N ILE B 95 4.11 9.67 28.44
CA ILE B 95 5.37 9.97 27.74
C ILE B 95 5.42 9.08 26.50
N LEU B 96 5.62 9.70 25.34
CA LEU B 96 5.66 8.93 24.12
C LEU B 96 7.10 8.53 23.74
N HIS B 97 7.36 7.24 23.61
CA HIS B 97 8.69 6.74 23.18
C HIS B 97 8.56 6.28 21.73
N VAL B 98 9.25 6.94 20.80
CA VAL B 98 9.22 6.52 19.39
C VAL B 98 10.58 5.86 19.02
N SER B 99 10.58 4.67 18.47
CA SER B 99 11.84 4.13 17.99
C SER B 99 11.71 3.55 16.62
N ALA B 100 12.83 3.44 15.90
CA ALA B 100 12.90 2.73 14.66
C ALA B 100 14.05 1.72 14.67
N LYS B 101 13.80 0.55 14.08
CA LYS B 101 14.81 -0.52 14.14
C LYS B 101 14.93 -1.11 12.78
N ASP B 102 16.14 -1.27 12.29
CA ASP B 102 16.37 -1.87 10.99
C ASP B 102 16.52 -3.35 11.27
N LYS B 103 15.59 -4.15 10.80
CA LYS B 103 15.61 -5.59 11.12
C LYS B 103 16.81 -6.31 10.52
N ASN B 104 17.35 -5.79 9.41
CA ASN B 104 18.59 -6.29 8.87
C ASN B 104 19.77 -5.95 9.82
N SER B 105 20.38 -4.78 9.59
CA SER B 105 21.53 -4.23 10.30
C SER B 105 21.38 -4.37 11.80
N GLY B 106 20.15 -4.42 12.30
CA GLY B 106 19.91 -4.44 13.76
C GLY B 106 20.08 -3.10 14.48
N LYS B 107 20.47 -2.03 13.75
CA LYS B 107 20.57 -0.67 14.29
C LYS B 107 19.21 -0.12 14.76
N GLU B 108 19.22 0.76 15.73
CA GLU B 108 17.98 1.21 16.29
C GLU B 108 18.21 2.63 16.77
N GLN B 109 17.21 3.49 16.73
CA GLN B 109 17.39 4.83 17.29
C GLN B 109 16.04 5.23 17.88
N LYS B 110 16.05 6.08 18.91
CA LYS B 110 14.82 6.49 19.54
C LYS B 110 14.78 7.96 20.00
N ILE B 111 13.59 8.42 20.36
CA ILE B 111 13.44 9.68 21.08
C ILE B 111 12.28 9.51 22.03
N THR B 112 12.33 10.32 23.08
CA THR B 112 11.32 10.38 24.07
C THR B 112 10.64 11.74 23.92
N ILE B 113 9.31 11.73 24.00
CA ILE B 113 8.54 12.96 23.84
C ILE B 113 7.66 13.22 25.10
N LYS B 114 7.90 14.34 25.79
CA LYS B 114 7.15 14.66 27.04
C LYS B 114 5.64 14.60 26.86
N ALA B 115 4.93 14.26 27.92
CA ALA B 115 3.47 14.22 27.96
C ALA B 115 2.78 15.55 27.61
N SER B 116 3.48 16.65 27.91
CA SER B 116 2.93 17.98 27.65
C SER B 116 3.21 18.47 26.23
N SER B 117 3.97 17.71 25.43
CA SER B 117 4.20 18.15 24.04
C SER B 117 2.91 18.28 23.22
N GLY B 118 3.02 18.98 22.08
CA GLY B 118 1.93 18.96 21.14
C GLY B 118 0.93 20.06 21.44
N LEU B 119 -0.28 19.90 20.92
CA LEU B 119 -1.28 20.94 20.94
C LEU B 119 -2.04 21.04 22.24
N ASN B 120 -2.35 22.28 22.68
CA ASN B 120 -3.20 22.39 23.89
C ASN B 120 -4.66 22.09 23.55
N GLU B 121 -5.50 22.10 24.58
CA GLU B 121 -6.91 21.82 24.33
C GLU B 121 -7.60 22.67 23.30
N ASP B 122 -7.42 24.00 23.34
CA ASP B 122 -8.00 24.89 22.29
C ASP B 122 -7.50 24.51 20.88
N GLU B 123 -6.23 24.17 20.83
CA GLU B 123 -5.62 23.84 19.53
C GLU B 123 -6.16 22.50 18.99
N ILE B 124 -6.34 21.55 19.89
CA ILE B 124 -6.96 20.24 19.56
C ILE B 124 -8.32 20.45 18.88
N GLN B 125 -9.13 21.35 19.46
CA GLN B 125 -10.44 21.58 18.93
C GLN B 125 -10.38 22.25 17.56
N LYS B 126 -9.57 23.29 17.41
CA LYS B 126 -9.29 23.82 16.08
C LYS B 126 -8.75 22.75 15.08
N MET B 127 -7.81 21.91 15.51
CA MET B 127 -7.32 20.79 14.64
C MET B 127 -8.48 19.88 14.18
N VAL B 128 -9.39 19.51 15.10
CA VAL B 128 -10.48 18.61 14.72
C VAL B 128 -11.41 19.38 13.75
N ARG B 129 -11.65 20.65 14.05
CA ARG B 129 -12.51 21.47 13.12
C ARG B 129 -11.84 21.70 11.74
N ASP B 130 -10.56 22.03 11.73
CA ASP B 130 -9.86 22.22 10.43
C ASP B 130 -9.85 20.95 9.62
N ALA B 131 -9.62 19.83 10.28
CA ALA B 131 -9.62 18.54 9.54
C ALA B 131 -11.02 18.25 8.91
N GLU B 132 -12.11 18.53 9.66
CA GLU B 132 -13.49 18.34 9.13
C GLU B 132 -13.72 19.26 7.93
N ALA B 133 -13.36 20.53 8.07
CA ALA B 133 -13.64 21.52 7.03
C ALA B 133 -12.81 21.22 5.76
N ASN B 134 -11.65 20.61 5.90
CA ASN B 134 -10.79 20.39 4.72
C ASN B 134 -10.74 18.92 4.31
N ALA B 135 -11.76 18.14 4.75
CA ALA B 135 -11.85 16.69 4.49
C ALA B 135 -11.65 16.29 3.00
N GLU B 136 -12.32 17.04 2.10
CA GLU B 136 -12.18 16.82 0.67
C GLU B 136 -10.85 17.18 0.17
N ALA B 137 -10.35 18.37 0.48
CA ALA B 137 -9.04 18.71 -0.07
C ALA B 137 -8.02 17.69 0.46
N ASP B 138 -8.17 17.22 1.72
CA ASP B 138 -7.18 16.30 2.37
C ASP B 138 -7.20 14.92 1.69
N ARG B 139 -8.41 14.47 1.37
CA ARG B 139 -8.53 13.21 0.64
C ARG B 139 -7.84 13.29 -0.75
N LYS B 140 -8.01 14.42 -1.44
CA LYS B 140 -7.44 14.61 -2.78
C LYS B 140 -5.91 14.65 -2.69
N PHE B 141 -5.38 15.32 -1.67
CA PHE B 141 -3.93 15.32 -1.47
C PHE B 141 -3.46 13.90 -1.29
N GLU B 142 -4.19 13.10 -0.49
CA GLU B 142 -3.70 11.79 -0.13
C GLU B 142 -3.71 10.91 -1.36
N GLU B 143 -4.78 11.07 -2.15
CA GLU B 143 -4.91 10.29 -3.41
C GLU B 143 -3.85 10.66 -4.40
N LEU B 144 -3.52 11.96 -4.42
CA LEU B 144 -2.45 12.43 -5.28
C LEU B 144 -1.14 11.75 -4.86
N VAL B 145 -0.89 11.68 -3.55
CA VAL B 145 0.36 11.11 -3.09
C VAL B 145 0.49 9.62 -3.39
N GLN B 146 -0.60 8.88 -3.18
CA GLN B 146 -0.73 7.47 -3.57
C GLN B 146 -0.46 7.16 -5.06
N THR B 147 -1.13 7.88 -5.92
CA THR B 147 -0.84 7.84 -7.39
C THR B 147 0.57 8.16 -7.72
N ARG B 148 1.10 9.26 -7.20
CA ARG B 148 2.48 9.54 -7.40
C ARG B 148 3.37 8.41 -6.98
N ASN B 149 3.18 7.90 -5.75
CA ASN B 149 4.08 6.82 -5.27
C ASN B 149 3.97 5.58 -6.17
N GLN B 150 2.77 5.33 -6.70
CA GLN B 150 2.57 4.23 -7.67
C GLN B 150 3.35 4.45 -8.97
N GLY B 151 3.35 5.70 -9.46
CA GLY B 151 4.06 6.08 -10.72
C GLY B 151 5.54 5.94 -10.44
N ASP B 152 5.95 6.35 -9.24
CA ASP B 152 7.38 6.32 -8.88
C ASP B 152 7.89 4.90 -8.91
N HIS B 153 7.08 3.97 -8.36
CA HIS B 153 7.43 2.55 -8.47
C HIS B 153 7.41 2.06 -9.91
N LEU B 154 6.39 2.44 -10.67
CA LEU B 154 6.32 2.06 -12.09
C LEU B 154 7.57 2.56 -12.84
N LEU B 155 7.88 3.82 -12.67
CA LEU B 155 9.09 4.41 -13.22
C LEU B 155 10.38 3.58 -12.91
N HIS B 156 10.66 3.32 -11.65
CA HIS B 156 11.88 2.60 -11.34
C HIS B 156 11.93 1.14 -11.72
N SER B 157 10.82 0.40 -11.60
CA SER B 157 10.78 -1.02 -12.02
CA SER B 157 10.80 -1.03 -12.05
C SER B 157 10.90 -1.14 -13.55
N THR B 158 10.27 -0.22 -14.27
CA THR B 158 10.48 -0.15 -15.72
C THR B 158 11.97 0.14 -16.00
N ARG B 159 12.62 1.08 -15.28
CA ARG B 159 14.03 1.41 -15.57
CA ARG B 159 14.02 1.40 -15.57
C ARG B 159 14.92 0.18 -15.37
N LYS B 160 14.68 -0.57 -14.28
CA LYS B 160 15.50 -1.76 -14.00
C LYS B 160 15.23 -2.86 -15.04
N GLN B 161 13.97 -3.00 -15.49
CA GLN B 161 13.66 -3.93 -16.58
C GLN B 161 14.29 -3.57 -17.92
N VAL B 162 14.41 -2.30 -18.24
CA VAL B 162 15.22 -1.91 -19.42
C VAL B 162 16.70 -2.30 -19.24
N GLU B 163 17.28 -2.00 -18.08
CA GLU B 163 18.66 -2.35 -17.80
C GLU B 163 18.87 -3.85 -17.94
N GLU B 164 18.04 -4.64 -17.25
CA GLU B 164 18.09 -6.09 -17.42
C GLU B 164 17.86 -6.62 -18.85
N ALA B 165 16.92 -6.07 -19.60
CA ALA B 165 16.74 -6.54 -20.99
C ALA B 165 17.97 -6.24 -21.85
N GLY B 166 18.68 -5.17 -21.54
CA GLY B 166 19.87 -4.76 -22.34
C GLY B 166 19.66 -4.65 -23.87
N ASP B 167 20.60 -5.24 -24.62
CA ASP B 167 20.47 -5.26 -26.08
C ASP B 167 19.34 -6.18 -26.68
N LYS B 168 18.72 -7.04 -25.87
CA LYS B 168 17.43 -7.65 -26.30
C LYS B 168 16.28 -6.64 -26.65
N LEU B 169 16.27 -5.46 -26.04
CA LEU B 169 15.23 -4.45 -26.33
C LEU B 169 15.71 -3.73 -27.57
N PRO B 170 14.89 -3.71 -28.65
CA PRO B 170 15.13 -2.98 -29.93
C PRO B 170 15.39 -1.50 -29.68
N ALA B 171 16.12 -0.85 -30.61
CA ALA B 171 16.49 0.58 -30.48
C ALA B 171 15.29 1.56 -30.40
N ASP B 172 14.31 1.45 -31.33
CA ASP B 172 12.99 2.13 -31.23
C ASP B 172 12.31 2.08 -29.84
N ASP B 173 12.32 0.90 -29.22
CA ASP B 173 11.73 0.74 -27.88
C ASP B 173 12.60 1.33 -26.81
N LYS B 174 13.93 1.20 -26.90
CA LYS B 174 14.74 1.82 -25.83
C LYS B 174 14.42 3.31 -25.79
N THR B 175 14.41 3.96 -26.96
CA THR B 175 14.14 5.42 -27.04
C THR B 175 12.69 5.87 -26.65
N ALA B 176 11.67 5.22 -27.19
CA ALA B 176 10.28 5.47 -26.76
C ALA B 176 10.07 5.30 -25.22
N ILE B 177 10.65 4.27 -24.64
CA ILE B 177 10.36 3.98 -23.26
C ILE B 177 11.05 5.02 -22.45
N GLU B 178 12.26 5.40 -22.85
CA GLU B 178 12.99 6.38 -22.11
C GLU B 178 12.28 7.76 -22.20
N SER B 179 11.65 8.03 -23.33
CA SER B 179 10.95 9.32 -23.52
C SER B 179 9.70 9.37 -22.63
N ALA B 180 8.95 8.26 -22.57
CA ALA B 180 7.77 8.09 -21.69
C ALA B 180 8.21 8.05 -20.22
N LEU B 181 9.38 7.45 -19.91
CA LEU B 181 9.90 7.47 -18.51
C LEU B 181 10.18 8.91 -18.04
N THR B 182 10.83 9.70 -18.90
CA THR B 182 11.11 11.10 -18.56
C THR B 182 9.83 11.89 -18.45
N ALA B 183 8.85 11.63 -19.31
CA ALA B 183 7.56 12.38 -19.24
C ALA B 183 6.85 12.03 -17.93
N LEU B 184 6.91 10.76 -17.54
CA LEU B 184 6.25 10.35 -16.33
C LEU B 184 6.97 11.02 -15.14
N GLU B 185 8.31 10.96 -15.11
CA GLU B 185 9.07 11.64 -14.07
C GLU B 185 8.69 13.12 -13.91
N THR B 186 8.57 13.84 -15.03
CA THR B 186 8.23 15.30 -15.01
C THR B 186 6.84 15.41 -14.39
N ALA B 187 5.89 14.59 -14.87
CA ALA B 187 4.54 14.61 -14.27
C ALA B 187 4.53 14.35 -12.74
N LEU B 188 5.35 13.43 -12.25
CA LEU B 188 5.32 13.12 -10.84
C LEU B 188 5.66 14.36 -9.97
N LYS B 189 6.47 15.25 -10.53
CA LYS B 189 6.87 16.49 -9.87
C LYS B 189 5.72 17.47 -9.80
N GLY B 190 4.70 17.30 -10.63
CA GLY B 190 3.55 18.19 -10.52
C GLY B 190 2.52 17.75 -9.48
N GLU B 191 1.31 18.25 -9.61
CA GLU B 191 0.28 18.04 -8.61
C GLU B 191 -1.05 17.73 -9.26
N ASP B 192 -1.04 17.27 -10.51
CA ASP B 192 -2.25 16.88 -11.25
C ASP B 192 -2.34 15.33 -11.27
N LYS B 193 -3.27 14.75 -10.52
CA LYS B 193 -3.45 13.27 -10.47
C LYS B 193 -3.71 12.67 -11.89
N ALA B 194 -4.67 13.25 -12.60
CA ALA B 194 -4.97 12.84 -13.97
C ALA B 194 -3.79 12.90 -14.97
N ALA B 195 -2.89 13.86 -14.83
CA ALA B 195 -1.80 13.96 -15.77
C ALA B 195 -0.78 12.88 -15.46
N ILE B 196 -0.57 12.63 -14.18
CA ILE B 196 0.26 11.47 -13.77
C ILE B 196 -0.31 10.17 -14.31
N GLU B 197 -1.63 9.98 -14.16
CA GLU B 197 -2.29 8.80 -14.72
C GLU B 197 -2.14 8.68 -16.23
N ALA B 198 -2.24 9.78 -16.95
CA ALA B 198 -2.14 9.67 -18.39
C ALA B 198 -0.71 9.23 -18.77
N LYS B 199 0.26 9.78 -18.07
CA LYS B 199 1.68 9.40 -18.34
C LYS B 199 2.05 8.00 -17.94
N MET B 200 1.44 7.45 -16.85
CA MET B 200 1.62 6.03 -16.47
C MET B 200 1.01 5.14 -17.55
N GLN B 201 -0.11 5.59 -18.10
CA GLN B 201 -0.79 4.86 -19.19
C GLN B 201 0.04 4.94 -20.50
N GLU B 202 0.58 6.12 -20.84
CA GLU B 202 1.42 6.22 -22.04
C GLU B 202 2.68 5.35 -21.96
N LEU B 203 3.28 5.24 -20.77
CA LEU B 203 4.41 4.42 -20.56
C LEU B 203 4.07 2.90 -20.77
N ALA B 204 2.99 2.47 -20.13
CA ALA B 204 2.46 1.12 -20.38
C ALA B 204 2.36 0.78 -21.86
N GLN B 205 1.80 1.70 -22.65
CA GLN B 205 1.58 1.51 -24.10
C GLN B 205 2.83 1.32 -24.96
N VAL B 206 3.95 1.91 -24.56
CA VAL B 206 5.22 1.70 -25.27
C VAL B 206 6.11 0.60 -24.63
N SER B 207 5.59 -0.04 -23.58
CA SER B 207 6.38 -0.97 -22.80
C SER B 207 6.00 -2.40 -23.08
N GLN B 208 5.08 -2.61 -24.03
CA GLN B 208 4.74 -3.97 -24.50
C GLN B 208 5.89 -4.95 -24.82
N LYS B 209 6.80 -4.64 -25.74
CA LYS B 209 7.97 -5.54 -26.01
C LYS B 209 8.78 -5.82 -24.74
N LEU B 210 8.93 -4.77 -23.94
CA LEU B 210 9.68 -4.81 -22.69
C LEU B 210 9.10 -5.89 -21.75
N MET B 211 7.77 -5.99 -21.75
CA MET B 211 7.06 -6.93 -20.89
C MET B 211 7.22 -8.39 -21.31
N GLU B 212 7.25 -8.66 -22.62
CA GLU B 212 7.59 -10.01 -23.10
C GLU B 212 9.05 -10.35 -22.78
N ILE B 213 9.99 -9.49 -23.20
CA ILE B 213 11.38 -9.66 -22.80
C ILE B 213 11.49 -9.92 -21.29
N ALA B 214 10.88 -9.07 -20.45
CA ALA B 214 10.95 -9.30 -19.00
C ALA B 214 10.47 -10.73 -18.63
N GLN B 215 9.42 -11.22 -19.30
CA GLN B 215 8.85 -12.52 -19.00
C GLN B 215 9.83 -13.69 -19.15
N GLN B 216 10.97 -13.47 -19.80
CA GLN B 216 12.00 -14.49 -19.91
C GLN B 216 13.24 -14.05 -19.16
N PRO C 5 -9.75 -19.88 4.15
CA PRO C 5 -9.68 -18.70 3.24
C PRO C 5 -9.19 -19.06 1.79
N ARG C 6 -10.14 -19.41 0.91
CA ARG C 6 -9.82 -20.04 -0.45
C ARG C 6 -9.66 -19.10 -1.67
N PRO C 7 -8.45 -19.05 -2.32
CA PRO C 7 -8.24 -18.05 -3.40
C PRO C 7 -9.28 -18.18 -4.54
N PRO C 8 -9.70 -17.06 -5.14
CA PRO C 8 -10.33 -17.16 -6.47
C PRO C 8 -9.24 -17.39 -7.57
N GLN C 9 -9.66 -17.78 -8.78
CA GLN C 9 -8.71 -18.02 -9.88
C GLN C 9 -7.91 -16.76 -10.22
N TRP C 10 -8.61 -15.64 -10.38
CA TRP C 10 -7.94 -14.44 -10.88
C TRP C 10 -8.09 -13.29 -9.88
N ALA C 11 -7.27 -13.31 -8.84
CA ALA C 11 -7.40 -12.37 -7.70
C ALA C 11 -6.94 -10.97 -8.15
N VAL C 12 -7.47 -9.97 -7.45
CA VAL C 12 -7.16 -8.55 -7.72
C VAL C 12 -6.14 -8.14 -6.65
N GLY C 13 -5.01 -7.63 -7.12
CA GLY C 13 -3.92 -7.18 -6.21
C GLY C 13 -3.80 -5.67 -6.30
N HIS C 14 -2.81 -5.16 -5.58
CA HIS C 14 -2.45 -3.75 -5.40
CA HIS C 14 -2.67 -3.75 -5.55
C HIS C 14 -1.65 -3.32 -6.61
N PHE C 15 -1.95 -2.19 -7.25
CA PHE C 15 -1.05 -1.66 -8.28
C PHE C 15 0.22 -1.14 -7.60
N MET C 16 1.38 -1.59 -8.01
CA MET C 16 2.55 -1.18 -7.25
C MET C 16 3.07 0.25 -7.56
N MET C 17 2.86 0.69 -8.80
N PRO D 7 20.21 15.61 -4.42
CA PRO D 7 19.58 15.93 -3.12
C PRO D 7 19.37 14.62 -2.31
N PRO D 8 19.88 14.50 -1.06
CA PRO D 8 19.66 13.10 -0.56
C PRO D 8 18.22 12.86 -0.02
N GLN D 9 17.72 11.65 -0.20
CA GLN D 9 16.38 11.20 0.21
C GLN D 9 16.36 10.78 1.71
N TRP D 10 15.53 11.38 2.55
CA TRP D 10 15.30 10.83 3.91
C TRP D 10 13.93 10.18 4.12
N ALA D 11 13.07 10.16 3.11
CA ALA D 11 11.64 9.85 3.29
C ALA D 11 11.45 8.38 3.72
N VAL D 12 10.38 8.08 4.41
CA VAL D 12 10.05 6.69 4.82
C VAL D 12 8.98 6.18 3.86
N GLY D 13 9.21 5.09 3.17
CA GLY D 13 8.10 4.51 2.40
C GLY D 13 7.50 3.22 2.89
N HIS D 14 6.64 2.62 2.08
CA HIS D 14 6.02 1.42 2.61
CA HIS D 14 5.90 1.36 2.32
C HIS D 14 6.81 0.17 2.27
N PHE D 15 6.77 -0.77 3.20
CA PHE D 15 7.53 -2.02 2.99
C PHE D 15 6.74 -2.83 1.96
N MET D 16 7.41 -3.35 0.93
CA MET D 16 6.62 -3.99 -0.13
C MET D 16 6.43 -5.49 0.04
N MET D 17 7.26 -6.10 0.90
#